data_9JHA
#
_entry.id   9JHA
#
_cell.length_a   62.696
_cell.length_b   62.696
_cell.length_c   164.386
_cell.angle_alpha   90.000
_cell.angle_beta   90.000
_cell.angle_gamma   90.000
#
_symmetry.space_group_name_H-M   'P 43 21 2'
#
loop_
_entity.id
_entity.type
_entity.pdbx_description
1 polymer HaloTag
2 non-polymer '4-[2-[2-(6-chloranylhexoxy)ethoxy]ethylcarbamoyl]-2-[10,10-dimethyl-3-[(1~{R},5~{S})-3-oxa-8-azabicyclo[3.2.1]octan-8-yl]-6-[(1~{R},5~{S})-3-oxa-8-azoniabicyclo[3.2.1]octan-8-ylidene]anthracen-9-yl]benzoic acid'
3 non-polymer 1,2-ETHANEDIOL
4 non-polymer 'CHLORIDE ION'
5 water water
#
_entity_poly.entity_id   1
_entity_poly.type   'polypeptide(L)'
_entity_poly.pdbx_seq_one_letter_code
;GIGTGFPFDPHYVEVLGERMHYVDVGPRDGTPVLFLHGNPTSSYVWRNIIPHVAPTHRCIAPDLIGMGKSDKPDLGYFFD
DHVRFMDAFIEALGLEEVVLVIHDWGSALGFHWAKRNPERVKGIAFMEFIRPIPTWDEWPEFARETFQAFRTTDVGRKLI
IDQNVFIEGTLPMGVVRPLTEVEMDHYREPFLNPVDREPLWRFPNELPIAGEPANIVALVEEYMDWLHQSPVPKLLFWGT
PGVLIPPAEAARLAKSLPNCKAVDIGPGLNLLQEDNPDLIGSEIARWLSTLEI
;
_entity_poly.pdbx_strand_id   A
#
# COMPACT_ATOMS: atom_id res chain seq x y z
N GLY A 1 1.12 -23.40 -5.63
CA GLY A 1 0.37 -22.37 -6.32
C GLY A 1 -0.07 -21.25 -5.39
N ILE A 2 0.40 -20.04 -5.68
CA ILE A 2 -0.06 -18.86 -4.93
C ILE A 2 -1.56 -18.72 -5.11
N GLY A 3 -2.27 -18.50 -4.01
CA GLY A 3 -3.73 -18.58 -4.04
C GLY A 3 -4.38 -17.40 -4.76
N THR A 4 -5.41 -17.71 -5.54
CA THR A 4 -6.14 -16.70 -6.30
C THR A 4 -7.50 -16.36 -5.72
N GLY A 5 -8.04 -17.17 -4.82
CA GLY A 5 -9.33 -16.86 -4.24
C GLY A 5 -9.24 -15.73 -3.22
N PHE A 6 -10.40 -15.19 -2.89
CA PHE A 6 -10.55 -14.16 -1.86
C PHE A 6 -11.64 -14.58 -0.88
N PRO A 7 -11.30 -15.46 0.08
CA PRO A 7 -12.30 -16.07 0.97
C PRO A 7 -12.58 -15.26 2.23
N PHE A 8 -12.88 -13.98 2.07
CA PHE A 8 -13.11 -13.10 3.21
C PHE A 8 -14.50 -12.49 3.09
N ASP A 9 -15.29 -12.63 4.15
CA ASP A 9 -16.62 -12.02 4.15
C ASP A 9 -16.49 -10.51 4.08
N PRO A 10 -17.40 -9.82 3.39
CA PRO A 10 -17.30 -8.37 3.30
C PRO A 10 -17.84 -7.72 4.56
N HIS A 11 -17.16 -6.66 4.98
CA HIS A 11 -17.61 -5.79 6.06
C HIS A 11 -17.64 -4.37 5.53
N TYR A 12 -18.61 -3.60 5.98
CA TYR A 12 -18.75 -2.21 5.55
C TYR A 12 -18.92 -1.31 6.76
N VAL A 13 -18.41 -0.09 6.65
CA VAL A 13 -18.56 0.92 7.68
C VAL A 13 -18.79 2.26 6.99
N GLU A 14 -19.70 3.05 7.54
CA GLU A 14 -20.00 4.39 7.05
C GLU A 14 -18.90 5.36 7.46
N VAL A 15 -18.36 6.09 6.49
CA VAL A 15 -17.19 6.95 6.64
C VAL A 15 -17.46 8.20 5.82
N LEU A 16 -17.74 9.33 6.49
CA LEU A 16 -17.95 10.63 5.81
C LEU A 16 -18.99 10.54 4.69
N GLY A 17 -20.12 9.90 4.99
CA GLY A 17 -21.18 9.74 4.02
C GLY A 17 -20.97 8.65 2.99
N GLU A 18 -19.85 7.95 3.02
CA GLU A 18 -19.59 6.86 2.09
C GLU A 18 -19.38 5.57 2.86
N ARG A 19 -19.50 4.43 2.17
CA ARG A 19 -19.19 3.14 2.77
C ARG A 19 -17.81 2.69 2.30
N MET A 20 -17.01 2.20 3.23
CA MET A 20 -15.76 1.53 2.89
C MET A 20 -15.88 0.05 3.21
N HIS A 21 -15.40 -0.78 2.29
CA HIS A 21 -15.36 -2.21 2.50
C HIS A 21 -14.05 -2.58 3.19
N TYR A 22 -14.10 -3.61 4.05
CA TYR A 22 -12.87 -4.07 4.69
C TYR A 22 -12.95 -5.54 5.04
N VAL A 23 -11.78 -6.20 5.02
CA VAL A 23 -11.63 -7.52 5.60
C VAL A 23 -11.48 -7.35 7.11
N ASP A 24 -12.06 -8.28 7.88
CA ASP A 24 -11.90 -8.26 9.33
C ASP A 24 -11.99 -9.71 9.82
N VAL A 25 -10.83 -10.31 10.09
CA VAL A 25 -10.74 -11.69 10.55
C VAL A 25 -9.80 -11.75 11.74
N GLY A 26 -9.74 -12.92 12.38
CA GLY A 26 -8.89 -13.10 13.52
C GLY A 26 -9.53 -12.68 14.83
N PRO A 27 -8.82 -12.89 15.94
CA PRO A 27 -9.42 -12.71 17.26
C PRO A 27 -9.68 -11.23 17.57
N ARG A 28 -10.74 -10.99 18.35
CA ARG A 28 -11.19 -9.63 18.63
C ARG A 28 -10.27 -8.90 19.59
N ASP A 29 -9.69 -9.59 20.55
CA ASP A 29 -8.85 -8.92 21.54
C ASP A 29 -7.43 -8.82 21.01
N GLY A 30 -6.62 -8.07 21.74
CA GLY A 30 -5.24 -7.88 21.36
C GLY A 30 -5.08 -6.72 20.40
N THR A 31 -3.85 -6.56 19.94
CA THR A 31 -3.54 -5.44 19.06
C THR A 31 -3.86 -5.81 17.63
N PRO A 32 -4.70 -5.04 16.94
CA PRO A 32 -5.05 -5.37 15.55
C PRO A 32 -3.94 -5.03 14.59
N VAL A 33 -3.90 -5.76 13.49
CA VAL A 33 -2.97 -5.51 12.39
C VAL A 33 -3.75 -4.91 11.23
N LEU A 34 -3.38 -3.69 10.83
CA LEU A 34 -4.08 -2.93 9.80
C LEU A 34 -3.27 -2.96 8.50
N PHE A 35 -3.85 -3.57 7.46
CA PHE A 35 -3.19 -3.76 6.17
C PHE A 35 -3.68 -2.70 5.19
N LEU A 36 -2.76 -1.91 4.61
CA LEU A 36 -3.14 -0.81 3.73
C LEU A 36 -2.52 -0.99 2.34
N HIS A 37 -3.37 -1.18 1.34
CA HIS A 37 -2.96 -1.37 -0.04
C HIS A 37 -2.71 -0.02 -0.72
N GLY A 38 -2.21 -0.07 -1.95
CA GLY A 38 -1.97 1.14 -2.74
C GLY A 38 -2.55 1.04 -4.14
N ASN A 39 -1.80 1.58 -5.11
CA ASN A 39 -2.30 1.73 -6.48
C ASN A 39 -1.72 0.64 -7.37
N PRO A 40 -2.54 -0.08 -8.17
CA PRO A 40 -3.98 -0.03 -8.37
C PRO A 40 -4.67 -1.23 -7.73
N THR A 41 -4.33 -1.53 -6.50
CA THR A 41 -4.76 -2.77 -5.89
C THR A 41 -5.94 -2.53 -4.94
N SER A 42 -6.16 -3.47 -4.04
CA SER A 42 -7.22 -3.46 -3.04
C SER A 42 -6.79 -4.43 -1.97
N SER A 43 -7.70 -4.76 -1.04
CA SER A 43 -7.38 -5.74 -0.01
C SER A 43 -7.05 -7.10 -0.62
N TYR A 44 -7.43 -7.32 -1.88
CA TYR A 44 -7.02 -8.52 -2.62
C TYR A 44 -5.52 -8.75 -2.54
N VAL A 45 -4.72 -7.69 -2.54
CA VAL A 45 -3.27 -7.87 -2.56
C VAL A 45 -2.76 -8.50 -1.26
N TRP A 46 -3.56 -8.47 -0.20
CA TRP A 46 -3.17 -9.05 1.09
C TRP A 46 -3.72 -10.45 1.30
N ARG A 47 -4.39 -11.02 0.29
CA ARG A 47 -5.18 -12.23 0.50
C ARG A 47 -4.33 -13.42 0.95
N ASN A 48 -3.07 -13.48 0.53
CA ASN A 48 -2.24 -14.63 0.87
C ASN A 48 -1.27 -14.33 2.00
N ILE A 49 -1.34 -13.11 2.54
CA ILE A 49 -0.54 -12.71 3.68
C ILE A 49 -1.35 -12.81 4.97
N ILE A 50 -2.59 -12.33 4.96
CA ILE A 50 -3.51 -12.37 6.09
C ILE A 50 -3.61 -13.76 6.73
N PRO A 51 -3.72 -14.86 5.97
CA PRO A 51 -3.86 -16.18 6.62
C PRO A 51 -2.70 -16.54 7.54
N HIS A 52 -1.51 -15.97 7.35
CA HIS A 52 -0.40 -16.23 8.27
C HIS A 52 -0.55 -15.49 9.59
N VAL A 53 -1.28 -14.38 9.59
CA VAL A 53 -1.39 -13.50 10.76
C VAL A 53 -2.67 -13.76 11.54
N ALA A 54 -3.75 -14.08 10.81
CA ALA A 54 -5.06 -14.22 11.44
C ALA A 54 -5.14 -15.27 12.54
N PRO A 55 -4.30 -16.31 12.61
CA PRO A 55 -4.40 -17.23 13.76
C PRO A 55 -4.19 -16.55 15.08
N THR A 56 -3.31 -15.54 15.14
CA THR A 56 -2.91 -14.92 16.39
C THR A 56 -3.35 -13.48 16.54
N HIS A 57 -3.73 -12.81 15.46
CA HIS A 57 -3.99 -11.37 15.47
C HIS A 57 -5.17 -11.01 14.60
N ARG A 58 -5.95 -10.04 15.05
CA ARG A 58 -6.97 -9.45 14.20
C ARG A 58 -6.32 -8.83 12.97
N CYS A 59 -6.92 -9.07 11.81
CA CYS A 59 -6.45 -8.57 10.53
C CYS A 59 -7.54 -7.70 9.94
N ILE A 60 -7.25 -6.42 9.76
CA ILE A 60 -8.20 -5.46 9.19
C ILE A 60 -7.58 -4.95 7.89
N ALA A 61 -8.29 -5.12 6.78
CA ALA A 61 -7.76 -4.70 5.48
C ALA A 61 -8.83 -3.94 4.71
N PRO A 62 -8.84 -2.62 4.81
CA PRO A 62 -9.81 -1.80 4.06
C PRO A 62 -9.44 -1.64 2.61
N ASP A 63 -10.46 -1.46 1.78
CA ASP A 63 -10.29 -0.95 0.43
C ASP A 63 -10.35 0.57 0.48
N LEU A 64 -9.33 1.23 -0.08
CA LEU A 64 -9.33 2.69 -0.07
C LEU A 64 -10.58 3.21 -0.77
N ILE A 65 -11.03 4.40 -0.34
CA ILE A 65 -12.19 5.01 -0.98
C ILE A 65 -11.93 5.13 -2.47
N GLY A 66 -12.96 4.83 -3.29
CA GLY A 66 -12.79 4.82 -4.72
C GLY A 66 -12.25 3.52 -5.31
N MET A 67 -11.88 2.55 -4.47
CA MET A 67 -11.20 1.35 -4.97
C MET A 67 -11.83 0.11 -4.34
N GLY A 68 -11.40 -1.06 -4.85
CA GLY A 68 -11.90 -2.32 -4.30
C GLY A 68 -13.42 -2.38 -4.31
N LYS A 69 -14.00 -2.80 -3.17
CA LYS A 69 -15.44 -2.82 -2.99
C LYS A 69 -15.95 -1.61 -2.23
N SER A 70 -15.10 -0.61 -2.00
CA SER A 70 -15.58 0.60 -1.35
C SER A 70 -16.37 1.48 -2.32
N ASP A 71 -17.12 2.40 -1.75
CA ASP A 71 -17.90 3.33 -2.55
C ASP A 71 -16.97 4.20 -3.39
N LYS A 72 -17.50 4.71 -4.50
CA LYS A 72 -16.70 5.38 -5.52
C LYS A 72 -17.35 6.71 -5.88
N PRO A 73 -17.35 7.67 -4.95
CA PRO A 73 -17.93 8.98 -5.23
C PRO A 73 -17.12 9.77 -6.26
N ASP A 74 -17.72 10.87 -6.70
CA ASP A 74 -17.16 11.72 -7.77
C ASP A 74 -16.15 12.72 -7.17
N LEU A 75 -14.99 12.18 -6.79
CA LEU A 75 -13.93 12.94 -6.13
C LEU A 75 -12.71 13.05 -7.05
N GLY A 76 -11.80 13.95 -6.68
CA GLY A 76 -10.50 13.99 -7.34
C GLY A 76 -9.56 12.91 -6.89
N TYR A 77 -9.82 12.32 -5.71
CA TYR A 77 -8.98 11.26 -5.15
C TYR A 77 -7.53 11.73 -4.98
N PHE A 78 -7.38 12.97 -4.54
CA PHE A 78 -6.08 13.44 -4.08
C PHE A 78 -5.66 12.65 -2.84
N PHE A 79 -4.36 12.67 -2.57
CA PHE A 79 -3.89 12.01 -1.35
C PHE A 79 -4.65 12.53 -0.12
N ASP A 80 -4.94 13.84 -0.10
CA ASP A 80 -5.69 14.43 1.01
C ASP A 80 -7.03 13.75 1.20
N ASP A 81 -7.70 13.43 0.10
CA ASP A 81 -8.99 12.75 0.20
C ASP A 81 -8.82 11.39 0.85
N HIS A 82 -7.80 10.63 0.42
CA HIS A 82 -7.55 9.33 1.03
C HIS A 82 -7.23 9.45 2.51
N VAL A 83 -6.52 10.51 2.91
CA VAL A 83 -6.16 10.70 4.31
C VAL A 83 -7.41 10.88 5.16
N ARG A 84 -8.35 11.70 4.68
CA ARG A 84 -9.57 11.97 5.44
C ARG A 84 -10.43 10.72 5.60
N PHE A 85 -10.60 9.95 4.52
CA PHE A 85 -11.40 8.73 4.63
C PHE A 85 -10.72 7.69 5.51
N MET A 86 -9.39 7.56 5.42
CA MET A 86 -8.70 6.55 6.23
C MET A 86 -8.66 6.96 7.70
N ASP A 87 -8.44 8.25 7.99
CA ASP A 87 -8.56 8.71 9.38
C ASP A 87 -9.91 8.31 9.97
N ALA A 88 -10.98 8.59 9.21
CA ALA A 88 -12.34 8.34 9.69
C ALA A 88 -12.63 6.85 9.74
N PHE A 89 -12.03 6.06 8.85
CA PHE A 89 -12.17 4.61 8.91
C PHE A 89 -11.59 4.05 10.20
N ILE A 90 -10.37 4.47 10.53
CA ILE A 90 -9.72 3.96 11.74
C ILE A 90 -10.54 4.33 12.97
N GLU A 91 -11.10 5.55 13.02
CA GLU A 91 -11.87 5.95 14.19
C GLU A 91 -13.22 5.23 14.23
N ALA A 92 -13.83 5.00 13.07
CA ALA A 92 -15.12 4.35 13.00
C ALA A 92 -15.04 2.92 13.51
N LEU A 93 -13.87 2.29 13.40
CA LEU A 93 -13.64 0.96 13.93
C LEU A 93 -13.25 0.98 15.40
N GLY A 94 -13.12 2.16 16.00
CA GLY A 94 -12.69 2.25 17.38
C GLY A 94 -11.29 1.71 17.62
N LEU A 95 -10.40 1.80 16.63
CA LEU A 95 -9.06 1.29 16.80
C LEU A 95 -8.28 2.21 17.72
N GLU A 96 -7.63 1.61 18.72
CA GLU A 96 -6.75 2.32 19.63
C GLU A 96 -5.31 2.19 19.16
N GLU A 97 -4.61 1.20 19.68
CA GLU A 97 -3.28 0.80 19.26
C GLU A 97 -3.38 -0.17 18.08
N VAL A 98 -2.41 -0.09 17.17
CA VAL A 98 -2.42 -0.91 15.97
C VAL A 98 -0.99 -1.28 15.60
N VAL A 99 -0.86 -2.34 14.81
CA VAL A 99 0.33 -2.61 14.01
C VAL A 99 -0.03 -2.37 12.55
N LEU A 100 0.84 -1.64 11.84
CA LEU A 100 0.59 -1.31 10.44
C LEU A 100 1.38 -2.25 9.54
N VAL A 101 0.74 -2.69 8.45
CA VAL A 101 1.40 -3.44 7.38
C VAL A 101 1.00 -2.72 6.10
N ILE A 102 1.96 -2.06 5.44
CA ILE A 102 1.59 -1.04 4.46
C ILE A 102 2.47 -1.14 3.22
N HIS A 103 1.92 -0.67 2.10
CA HIS A 103 2.52 -0.86 0.78
C HIS A 103 2.12 0.29 -0.13
N ASP A 104 3.08 0.81 -0.89
CA ASP A 104 2.81 1.80 -1.95
C ASP A 104 1.99 2.93 -1.33
N TRP A 105 0.88 3.37 -1.93
CA TRP A 105 0.18 4.51 -1.35
C TRP A 105 -0.40 4.21 0.02
N GLY A 106 -0.65 2.94 0.34
CA GLY A 106 -1.06 2.62 1.69
C GLY A 106 0.05 2.91 2.69
N SER A 107 1.31 2.88 2.26
CA SER A 107 2.38 3.23 3.17
C SER A 107 2.44 4.74 3.41
N ALA A 108 2.09 5.56 2.42
CA ALA A 108 1.99 7.00 2.68
C ALA A 108 0.90 7.29 3.70
N LEU A 109 -0.25 6.61 3.57
CA LEU A 109 -1.31 6.75 4.57
C LEU A 109 -0.82 6.29 5.94
N GLY A 110 -0.20 5.11 6.00
CA GLY A 110 0.19 4.54 7.28
C GLY A 110 1.25 5.37 7.98
N PHE A 111 2.28 5.80 7.25
CA PHE A 111 3.33 6.59 7.87
C PHE A 111 2.81 7.95 8.32
N HIS A 112 1.99 8.59 7.49
CA HIS A 112 1.43 9.90 7.83
C HIS A 112 0.54 9.81 9.07
N TRP A 113 -0.24 8.74 9.18
CA TRP A 113 -1.06 8.53 10.38
C TRP A 113 -0.19 8.25 11.61
N ALA A 114 0.88 7.46 11.42
CA ALA A 114 1.78 7.16 12.53
C ALA A 114 2.44 8.42 13.06
N LYS A 115 2.91 9.28 12.15
CA LYS A 115 3.51 10.54 12.57
C LYS A 115 2.56 11.35 13.45
N ARG A 116 1.27 11.35 13.12
CA ARG A 116 0.30 12.14 13.85
C ARG A 116 -0.26 11.42 15.07
N ASN A 117 -0.08 10.09 15.13
CA ASN A 117 -0.60 9.28 16.23
C ASN A 117 0.46 8.31 16.73
N PRO A 118 1.65 8.80 17.07
CA PRO A 118 2.77 7.88 17.30
C PRO A 118 2.58 6.95 18.48
N GLU A 119 1.85 7.40 19.52
CA GLU A 119 1.62 6.57 20.69
C GLU A 119 0.77 5.34 20.36
N ARG A 120 0.03 5.36 19.26
CA ARG A 120 -0.87 4.26 18.93
C ARG A 120 -0.27 3.24 17.97
N VAL A 121 0.99 3.39 17.59
CA VAL A 121 1.59 2.51 16.60
C VAL A 121 2.61 1.64 17.31
N LYS A 122 2.35 0.33 17.33
CA LYS A 122 3.20 -0.62 18.04
C LYS A 122 4.23 -1.28 17.14
N GLY A 123 4.05 -1.16 15.83
CA GLY A 123 5.01 -1.68 14.88
C GLY A 123 4.56 -1.32 13.49
N ILE A 124 5.52 -1.25 12.57
CA ILE A 124 5.22 -1.02 11.16
C ILE A 124 6.00 -2.01 10.32
N ALA A 125 5.28 -2.80 9.53
CA ALA A 125 5.87 -3.62 8.48
C ALA A 125 5.54 -2.94 7.17
N PHE A 126 6.55 -2.78 6.32
CA PHE A 126 6.34 -1.96 5.13
C PHE A 126 7.19 -2.52 4.00
N MET A 127 6.81 -2.14 2.78
CA MET A 127 7.42 -2.70 1.59
C MET A 127 7.04 -1.80 0.41
N GLU A 128 8.01 -1.53 -0.46
CA GLU A 128 7.77 -0.77 -1.69
C GLU A 128 6.90 0.46 -1.40
N PHE A 129 7.46 1.34 -0.59
CA PHE A 129 6.73 2.41 0.06
C PHE A 129 7.09 3.73 -0.57
N ILE A 130 6.28 4.75 -0.27
CA ILE A 130 6.45 6.06 -0.89
C ILE A 130 7.50 6.84 -0.12
N ARG A 131 8.57 7.19 -0.81
CA ARG A 131 9.63 8.08 -0.34
C ARG A 131 9.85 9.15 -1.40
N PRO A 132 10.49 10.26 -1.06
CA PRO A 132 10.74 11.28 -2.09
C PRO A 132 11.71 10.73 -3.14
N ILE A 133 11.36 10.89 -4.40
CA ILE A 133 12.22 10.52 -5.52
C ILE A 133 12.82 11.82 -6.05
N PRO A 134 14.06 12.15 -5.68
CA PRO A 134 14.54 13.53 -5.91
C PRO A 134 14.70 13.89 -7.37
N THR A 135 15.13 12.96 -8.22
CA THR A 135 15.26 13.20 -9.65
C THR A 135 14.61 12.05 -10.39
N TRP A 136 14.24 12.28 -11.66
CA TRP A 136 13.70 11.16 -12.44
C TRP A 136 14.72 10.05 -12.61
N ASP A 137 16.01 10.37 -12.46
CA ASP A 137 17.04 9.34 -12.47
C ASP A 137 16.85 8.32 -11.35
N GLU A 138 16.26 8.74 -10.23
CA GLU A 138 16.02 7.83 -9.11
C GLU A 138 14.75 7.01 -9.27
N TRP A 139 14.04 7.14 -10.38
CA TRP A 139 12.96 6.27 -10.83
C TRP A 139 13.51 5.21 -11.78
N PRO A 140 13.07 3.94 -11.67
CA PRO A 140 13.66 2.88 -12.50
C PRO A 140 13.55 3.18 -13.99
N GLU A 141 14.67 3.02 -14.69
CA GLU A 141 14.72 3.34 -16.11
C GLU A 141 13.63 2.61 -16.90
N PHE A 142 13.34 1.35 -16.56
CA PHE A 142 12.40 0.58 -17.38
C PHE A 142 10.99 1.14 -17.35
N ALA A 143 10.64 1.91 -16.33
CA ALA A 143 9.29 2.45 -16.17
C ALA A 143 9.28 3.98 -16.16
N ARG A 144 10.40 4.62 -16.54
CA ARG A 144 10.51 6.07 -16.48
C ARG A 144 9.64 6.75 -17.53
N GLU A 145 9.79 6.36 -18.79
CA GLU A 145 9.04 7.01 -19.86
C GLU A 145 7.55 6.89 -19.63
N THR A 146 7.09 5.75 -19.14
CA THR A 146 5.66 5.54 -18.98
C THR A 146 5.12 6.35 -17.80
N PHE A 147 5.82 6.36 -16.67
CA PHE A 147 5.32 7.18 -15.58
C PHE A 147 5.41 8.67 -15.91
N GLN A 148 6.37 9.07 -16.76
CA GLN A 148 6.40 10.46 -17.18
C GLN A 148 5.17 10.79 -18.02
N ALA A 149 4.77 9.83 -18.87
CA ALA A 149 3.55 9.99 -19.67
C ALA A 149 2.30 9.93 -18.81
N PHE A 150 2.31 9.10 -17.75
CA PHE A 150 1.17 9.09 -16.84
C PHE A 150 0.96 10.45 -16.20
N ARG A 151 2.05 11.20 -16.00
CA ARG A 151 2.02 12.48 -15.31
C ARG A 151 1.81 13.62 -16.28
N THR A 152 0.93 13.38 -17.24
CA THR A 152 0.35 14.42 -18.06
C THR A 152 -1.16 14.33 -17.97
N THR A 153 -1.82 15.44 -18.28
CA THR A 153 -3.27 15.41 -18.24
C THR A 153 -3.86 14.72 -19.45
N ASP A 154 -3.47 15.12 -20.66
CA ASP A 154 -4.15 14.54 -21.80
C ASP A 154 -3.65 13.14 -22.08
N VAL A 155 -2.34 12.97 -22.32
CA VAL A 155 -1.82 11.62 -22.59
C VAL A 155 -2.07 10.69 -21.40
N GLY A 156 -1.78 11.16 -20.20
CA GLY A 156 -1.88 10.29 -19.03
C GLY A 156 -3.30 9.78 -18.80
N ARG A 157 -4.28 10.70 -18.88
CA ARG A 157 -5.66 10.27 -18.65
C ARG A 157 -6.16 9.35 -19.75
N LYS A 158 -5.73 9.58 -20.99
CA LYS A 158 -6.11 8.66 -22.07
C LYS A 158 -5.55 7.28 -21.79
N LEU A 159 -4.28 7.19 -21.37
CA LEU A 159 -3.69 5.89 -21.05
C LEU A 159 -4.41 5.22 -19.88
N ILE A 160 -4.53 5.91 -18.75
CA ILE A 160 -4.97 5.27 -17.52
C ILE A 160 -6.48 5.15 -17.46
N ILE A 161 -7.19 6.21 -17.83
CA ILE A 161 -8.65 6.21 -17.67
C ILE A 161 -9.35 5.65 -18.90
N ASP A 162 -9.04 6.17 -20.08
CA ASP A 162 -9.74 5.68 -21.27
C ASP A 162 -9.29 4.27 -21.64
N GLN A 163 -7.99 3.98 -21.53
CA GLN A 163 -7.49 2.70 -22.03
C GLN A 163 -7.11 1.71 -20.92
N ASN A 164 -7.23 2.11 -19.65
CA ASN A 164 -7.04 1.24 -18.50
C ASN A 164 -5.65 0.60 -18.46
N VAL A 165 -4.65 1.36 -18.89
CA VAL A 165 -3.29 0.79 -19.00
C VAL A 165 -2.68 0.50 -17.62
N PHE A 166 -3.05 1.25 -16.59
CA PHE A 166 -2.46 0.98 -15.28
C PHE A 166 -2.89 -0.40 -14.77
N ILE A 167 -4.11 -0.82 -15.12
CA ILE A 167 -4.57 -2.16 -14.73
C ILE A 167 -4.02 -3.22 -15.69
N GLU A 168 -4.11 -2.96 -17.00
CA GLU A 168 -3.79 -3.99 -17.97
C GLU A 168 -2.31 -4.10 -18.26
N GLY A 169 -1.53 -3.03 -18.02
CA GLY A 169 -0.11 -3.05 -18.31
C GLY A 169 0.74 -2.83 -17.09
N THR A 170 0.51 -1.73 -16.37
CA THR A 170 1.42 -1.40 -15.28
C THR A 170 1.36 -2.43 -14.17
N LEU A 171 0.15 -2.84 -13.79
CA LEU A 171 -0.03 -3.79 -12.70
C LEU A 171 0.73 -5.10 -12.93
N PRO A 172 0.54 -5.81 -14.06
CA PRO A 172 1.34 -7.03 -14.28
C PRO A 172 2.83 -6.78 -14.34
N MET A 173 3.26 -5.62 -14.84
CA MET A 173 4.67 -5.30 -14.88
C MET A 173 5.23 -4.93 -13.52
N GLY A 174 4.38 -4.92 -12.50
CA GLY A 174 4.77 -4.76 -11.12
C GLY A 174 4.99 -6.07 -10.39
N VAL A 175 4.86 -7.19 -11.09
CA VAL A 175 5.04 -8.55 -10.53
C VAL A 175 6.03 -9.29 -11.42
N VAL A 176 6.97 -10.03 -10.80
CA VAL A 176 7.93 -10.79 -11.59
C VAL A 176 7.26 -11.99 -12.24
N ARG A 177 6.48 -12.75 -11.46
CA ARG A 177 5.73 -13.86 -12.00
C ARG A 177 4.49 -13.36 -12.75
N PRO A 178 3.97 -14.14 -13.69
CA PRO A 178 2.76 -13.71 -14.40
C PRO A 178 1.54 -13.76 -13.49
N LEU A 179 0.80 -12.66 -13.44
CA LEU A 179 -0.51 -12.72 -12.78
C LEU A 179 -1.43 -13.59 -13.64
N THR A 180 -2.23 -14.43 -12.99
CA THR A 180 -3.12 -15.27 -13.77
C THR A 180 -4.36 -14.49 -14.18
N GLU A 181 -5.16 -15.11 -15.06
CA GLU A 181 -6.37 -14.43 -15.53
C GLU A 181 -7.37 -14.23 -14.41
N VAL A 182 -7.52 -15.22 -13.54
CA VAL A 182 -8.35 -15.07 -12.34
C VAL A 182 -7.86 -13.89 -11.48
N GLU A 183 -6.55 -13.76 -11.32
CA GLU A 183 -6.05 -12.63 -10.53
C GLU A 183 -6.32 -11.30 -11.23
N MET A 184 -6.05 -11.23 -12.53
CA MET A 184 -6.34 -9.99 -13.26
C MET A 184 -7.81 -9.61 -13.13
N ASP A 185 -8.71 -10.59 -13.18
CA ASP A 185 -10.12 -10.24 -13.12
C ASP A 185 -10.48 -9.70 -11.73
N HIS A 186 -9.85 -10.19 -10.67
CA HIS A 186 -10.09 -9.61 -9.36
C HIS A 186 -9.64 -8.15 -9.33
N TYR A 187 -8.51 -7.85 -9.97
CA TYR A 187 -7.99 -6.50 -9.97
C TYR A 187 -8.74 -5.59 -10.93
N ARG A 188 -9.29 -6.17 -12.01
CA ARG A 188 -10.08 -5.40 -12.97
C ARG A 188 -11.42 -4.99 -12.38
N GLU A 189 -11.96 -5.81 -11.47
CA GLU A 189 -13.38 -5.70 -11.12
C GLU A 189 -13.80 -4.32 -10.61
N PRO A 190 -13.03 -3.62 -9.77
CA PRO A 190 -13.49 -2.30 -9.31
C PRO A 190 -13.60 -1.27 -10.42
N PHE A 191 -12.96 -1.48 -11.57
CA PHE A 191 -12.73 -0.39 -12.51
C PHE A 191 -13.35 -0.65 -13.88
N LEU A 192 -14.37 -1.52 -13.93
CA LEU A 192 -15.06 -1.80 -15.18
C LEU A 192 -15.70 -0.54 -15.78
N ASN A 193 -16.11 0.39 -14.93
CA ASN A 193 -16.68 1.66 -15.37
C ASN A 193 -15.54 2.67 -15.50
N PRO A 194 -15.22 3.15 -16.70
CA PRO A 194 -14.02 3.98 -16.87
C PRO A 194 -13.96 5.18 -15.94
N VAL A 195 -15.09 5.86 -15.68
CA VAL A 195 -15.04 7.04 -14.82
C VAL A 195 -14.44 6.71 -13.45
N ASP A 196 -14.61 5.47 -12.98
CA ASP A 196 -14.08 5.08 -11.67
C ASP A 196 -12.57 4.90 -11.66
N ARG A 197 -11.88 5.08 -12.79
CA ARG A 197 -10.43 4.95 -12.81
C ARG A 197 -9.72 6.22 -12.35
N GLU A 198 -10.47 7.26 -11.94
CA GLU A 198 -9.84 8.49 -11.46
C GLU A 198 -8.73 8.28 -10.43
N PRO A 199 -8.89 7.47 -9.37
CA PRO A 199 -7.76 7.31 -8.44
C PRO A 199 -6.54 6.70 -9.10
N LEU A 200 -6.72 5.89 -10.14
CA LEU A 200 -5.56 5.24 -10.76
C LEU A 200 -4.69 6.23 -11.49
N TRP A 201 -5.30 7.34 -11.95
CA TRP A 201 -4.55 8.40 -12.61
C TRP A 201 -4.04 9.45 -11.62
N ARG A 202 -4.84 9.83 -10.63
CA ARG A 202 -4.38 10.84 -9.69
C ARG A 202 -3.20 10.32 -8.87
N PHE A 203 -3.22 9.05 -8.49
CA PHE A 203 -2.13 8.52 -7.68
C PHE A 203 -0.76 8.73 -8.31
N PRO A 204 -0.48 8.34 -9.56
CA PRO A 204 0.87 8.58 -10.09
C PRO A 204 1.19 10.06 -10.21
N ASN A 205 0.18 10.90 -10.38
CA ASN A 205 0.40 12.33 -10.42
C ASN A 205 0.61 12.93 -9.04
N GLU A 206 0.37 12.17 -7.99
CA GLU A 206 0.69 12.58 -6.62
C GLU A 206 2.08 12.13 -6.19
N LEU A 207 2.70 11.23 -6.94
CA LEU A 207 3.98 10.68 -6.49
C LEU A 207 4.98 11.82 -6.31
N PRO A 208 5.77 11.80 -5.24
CA PRO A 208 6.75 12.87 -5.00
C PRO A 208 8.04 12.68 -5.79
N ILE A 209 8.05 13.15 -7.03
CA ILE A 209 9.17 12.95 -7.96
C ILE A 209 9.65 14.29 -8.45
N ALA A 210 10.96 14.53 -8.35
CA ALA A 210 11.57 15.78 -8.84
C ALA A 210 10.86 17.00 -8.26
N GLY A 211 10.51 16.92 -6.99
CA GLY A 211 9.97 18.04 -6.26
C GLY A 211 8.50 18.32 -6.49
N GLU A 212 7.81 17.53 -7.31
CA GLU A 212 6.41 17.81 -7.58
C GLU A 212 5.58 16.56 -7.33
N PRO A 213 4.36 16.70 -6.79
CA PRO A 213 3.78 17.96 -6.32
C PRO A 213 4.41 18.39 -5.01
N ALA A 214 4.65 19.70 -4.85
CA ALA A 214 5.38 20.17 -3.69
C ALA A 214 4.69 19.78 -2.38
N ASN A 215 3.35 19.75 -2.36
CA ASN A 215 2.66 19.48 -1.10
C ASN A 215 2.88 18.04 -0.67
N ILE A 216 2.94 17.12 -1.63
CA ILE A 216 3.15 15.71 -1.28
C ILE A 216 4.59 15.49 -0.84
N VAL A 217 5.55 16.07 -1.58
CA VAL A 217 6.96 15.98 -1.19
C VAL A 217 7.14 16.38 0.27
N ALA A 218 6.58 17.55 0.63
CA ALA A 218 6.68 18.03 2.01
C ALA A 218 6.11 17.02 3.01
N LEU A 219 4.90 16.52 2.76
CA LEU A 219 4.26 15.56 3.66
C LEU A 219 5.11 14.30 3.83
N VAL A 220 5.60 13.77 2.70
CA VAL A 220 6.39 12.54 2.74
C VAL A 220 7.73 12.78 3.45
N GLU A 221 8.39 13.90 3.14
CA GLU A 221 9.60 14.25 3.88
C GLU A 221 9.36 14.29 5.38
N GLU A 222 8.21 14.82 5.79
CA GLU A 222 7.92 14.95 7.21
C GLU A 222 7.74 13.58 7.87
N TYR A 223 7.06 12.64 7.21
CA TYR A 223 6.92 11.35 7.88
C TYR A 223 8.19 10.51 7.76
N MET A 224 9.03 10.74 6.74
CA MET A 224 10.31 10.03 6.71
C MET A 224 11.24 10.52 7.81
N ASP A 225 11.18 11.82 8.11
CA ASP A 225 11.93 12.36 9.23
C ASP A 225 11.42 11.81 10.55
N TRP A 226 10.08 11.70 10.70
CA TRP A 226 9.53 11.07 11.89
C TRP A 226 9.99 9.62 12.00
N LEU A 227 9.98 8.89 10.87
CA LEU A 227 10.36 7.48 10.92
C LEU A 227 11.82 7.31 11.28
N HIS A 228 12.68 8.25 10.86
CA HIS A 228 14.10 8.14 11.17
C HIS A 228 14.39 8.39 12.64
N GLN A 229 13.53 9.14 13.34
CA GLN A 229 13.74 9.39 14.76
C GLN A 229 12.90 8.49 15.67
N SER A 230 11.97 7.72 15.12
CA SER A 230 11.06 6.93 15.95
C SER A 230 11.69 5.59 16.36
N PRO A 231 11.53 5.19 17.62
CA PRO A 231 11.97 3.85 18.05
C PRO A 231 10.98 2.74 17.76
N VAL A 232 9.89 3.01 17.04
CA VAL A 232 8.89 1.98 16.79
C VAL A 232 9.54 0.78 16.08
N PRO A 233 9.21 -0.45 16.44
CA PRO A 233 9.75 -1.60 15.70
C PRO A 233 9.35 -1.52 14.22
N LYS A 234 10.31 -1.86 13.36
CA LYS A 234 10.14 -1.74 11.92
C LYS A 234 10.57 -3.04 11.23
N LEU A 235 9.81 -3.42 10.21
CA LEU A 235 10.10 -4.61 9.41
C LEU A 235 9.97 -4.21 7.95
N LEU A 236 11.08 -4.25 7.22
CA LEU A 236 11.11 -3.78 5.83
C LEU A 236 11.33 -4.95 4.89
N PHE A 237 10.37 -5.20 4.00
CA PHE A 237 10.54 -6.21 2.95
C PHE A 237 11.00 -5.54 1.67
N TRP A 238 11.92 -6.20 0.97
CA TRP A 238 12.42 -5.64 -0.28
C TRP A 238 12.70 -6.76 -1.28
N GLY A 239 12.65 -6.42 -2.56
CA GLY A 239 12.94 -7.37 -3.61
C GLY A 239 13.95 -6.81 -4.60
N THR A 240 14.41 -7.69 -5.49
CA THR A 240 15.35 -7.29 -6.52
C THR A 240 14.67 -7.40 -7.87
N PRO A 241 14.63 -6.32 -8.68
CA PRO A 241 15.26 -5.01 -8.49
C PRO A 241 14.44 -3.98 -7.70
N GLY A 242 13.21 -4.33 -7.36
CA GLY A 242 12.30 -3.35 -6.78
C GLY A 242 11.83 -2.32 -7.80
N VAL A 243 11.00 -1.39 -7.31
CA VAL A 243 10.53 -0.28 -8.13
C VAL A 243 10.74 1.01 -7.35
N LEU A 244 9.99 1.19 -6.26
CA LEU A 244 10.14 2.40 -5.46
C LEU A 244 11.35 2.33 -4.54
N ILE A 245 11.75 1.12 -4.14
CA ILE A 245 12.85 0.91 -3.20
C ILE A 245 13.87 -0.04 -3.82
N PRO A 246 14.94 0.46 -4.44
CA PRO A 246 16.00 -0.45 -4.92
C PRO A 246 16.74 -1.07 -3.76
N PRO A 247 17.41 -2.21 -3.98
CA PRO A 247 18.10 -2.89 -2.87
C PRO A 247 19.04 -2.00 -2.07
N ALA A 248 19.78 -1.09 -2.73
CA ALA A 248 20.71 -0.23 -2.01
C ALA A 248 19.99 0.68 -1.03
N GLU A 249 18.79 1.16 -1.40
CA GLU A 249 18.03 2.01 -0.48
C GLU A 249 17.52 1.20 0.71
N ALA A 250 17.06 -0.02 0.46
CA ALA A 250 16.65 -0.90 1.57
C ALA A 250 17.80 -1.11 2.55
N ALA A 251 19.00 -1.38 2.02
CA ALA A 251 20.15 -1.61 2.88
C ALA A 251 20.48 -0.36 3.70
N ARG A 252 20.35 0.82 3.10
CA ARG A 252 20.59 2.07 3.81
C ARG A 252 19.55 2.28 4.92
N LEU A 253 18.27 2.05 4.62
CA LEU A 253 17.24 2.24 5.63
C LEU A 253 17.32 1.21 6.75
N ALA A 254 17.74 -0.03 6.45
CA ALA A 254 17.90 -1.04 7.50
C ALA A 254 18.84 -0.57 8.60
N LYS A 255 19.82 0.27 8.26
CA LYS A 255 20.75 0.78 9.25
C LYS A 255 20.39 2.17 9.77
N SER A 256 19.68 2.98 8.97
CA SER A 256 19.41 4.35 9.40
C SER A 256 18.13 4.43 10.24
N LEU A 257 17.11 3.63 9.92
CA LEU A 257 15.87 3.64 10.69
C LEU A 257 16.08 2.86 11.98
N PRO A 258 15.71 3.41 13.15
CA PRO A 258 15.92 2.68 14.40
C PRO A 258 15.11 1.39 14.45
N ASN A 259 15.71 0.35 15.05
CA ASN A 259 15.00 -0.89 15.36
C ASN A 259 14.37 -1.49 14.12
N CYS A 260 15.11 -1.53 13.03
CA CYS A 260 14.57 -1.93 11.73
C CYS A 260 15.18 -3.25 11.29
N LYS A 261 14.34 -4.25 11.06
CA LYS A 261 14.74 -5.52 10.47
C LYS A 261 14.33 -5.53 9.00
N ALA A 262 15.27 -5.88 8.12
CA ALA A 262 15.03 -5.93 6.68
C ALA A 262 15.04 -7.38 6.19
N VAL A 263 14.09 -7.72 5.31
CA VAL A 263 13.95 -9.09 4.80
C VAL A 263 13.92 -9.07 3.29
N ASP A 264 14.81 -9.88 2.68
CA ASP A 264 14.92 -10.03 1.23
C ASP A 264 13.90 -11.04 0.74
N ILE A 265 12.95 -10.62 -0.11
CA ILE A 265 11.93 -11.57 -0.57
C ILE A 265 12.34 -12.31 -1.84
N GLY A 266 13.52 -12.03 -2.38
CA GLY A 266 13.93 -12.56 -3.66
C GLY A 266 13.54 -11.63 -4.80
N PRO A 267 13.29 -12.20 -5.98
CA PRO A 267 12.91 -11.37 -7.13
C PRO A 267 11.61 -10.64 -6.85
N GLY A 268 11.62 -9.35 -7.09
CA GLY A 268 10.43 -8.55 -6.81
C GLY A 268 10.51 -7.21 -7.49
N LEU A 269 9.34 -6.66 -7.82
CA LEU A 269 9.24 -5.36 -8.43
C LEU A 269 8.47 -4.46 -7.47
N ASN A 270 7.17 -4.24 -7.68
CA ASN A 270 6.40 -3.42 -6.75
C ASN A 270 5.47 -4.24 -5.85
N LEU A 271 4.64 -5.12 -6.41
CA LEU A 271 3.69 -5.90 -5.62
C LEU A 271 4.41 -7.12 -5.05
N LEU A 272 5.23 -6.86 -4.02
CA LEU A 272 6.06 -7.94 -3.48
C LEU A 272 5.17 -9.06 -2.92
N GLN A 273 3.97 -8.71 -2.46
CA GLN A 273 3.01 -9.68 -1.96
C GLN A 273 2.62 -10.71 -3.00
N GLU A 274 2.69 -10.37 -4.28
CA GLU A 274 2.32 -11.34 -5.32
C GLU A 274 3.45 -12.24 -5.73
N ASP A 275 4.70 -11.89 -5.42
CA ASP A 275 5.83 -12.74 -5.78
C ASP A 275 6.24 -13.68 -4.67
N ASN A 276 6.11 -13.27 -3.41
CA ASN A 276 6.51 -14.14 -2.30
C ASN A 276 5.62 -13.90 -1.09
N PRO A 277 4.33 -14.23 -1.20
CA PRO A 277 3.43 -13.99 -0.08
C PRO A 277 3.73 -14.88 1.12
N ASP A 278 4.19 -16.10 0.90
CA ASP A 278 4.42 -16.98 2.03
C ASP A 278 5.56 -16.49 2.89
N LEU A 279 6.62 -15.96 2.27
CA LEU A 279 7.71 -15.41 3.07
C LEU A 279 7.26 -14.15 3.81
N ILE A 280 6.56 -13.25 3.09
CA ILE A 280 6.11 -12.02 3.74
C ILE A 280 5.17 -12.34 4.90
N GLY A 281 4.21 -13.24 4.68
CA GLY A 281 3.25 -13.54 5.73
C GLY A 281 3.89 -14.25 6.91
N SER A 282 4.76 -15.22 6.62
CA SER A 282 5.46 -15.95 7.67
C SER A 282 6.30 -15.00 8.52
N GLU A 283 7.05 -14.11 7.86
CA GLU A 283 7.94 -13.22 8.60
C GLU A 283 7.16 -12.20 9.42
N ILE A 284 6.03 -11.70 8.89
CA ILE A 284 5.21 -10.80 9.70
C ILE A 284 4.72 -11.51 10.96
N ALA A 285 4.20 -12.74 10.78
CA ALA A 285 3.67 -13.48 11.93
C ALA A 285 4.74 -13.70 13.00
N ARG A 286 5.95 -14.08 12.58
CA ARG A 286 7.04 -14.34 13.52
C ARG A 286 7.51 -13.04 14.17
N TRP A 287 7.57 -11.95 13.40
CA TRP A 287 8.01 -10.67 13.94
C TRP A 287 7.03 -10.15 14.98
N LEU A 288 5.72 -10.30 14.72
CA LEU A 288 4.71 -9.92 15.70
C LEU A 288 4.97 -10.58 17.05
N SER A 289 5.37 -11.84 17.04
CA SER A 289 5.65 -12.51 18.32
C SER A 289 6.86 -11.87 19.02
N THR A 290 7.87 -11.46 18.24
CA THR A 290 9.03 -10.81 18.85
C THR A 290 8.71 -9.44 19.44
N LEU A 291 7.64 -8.77 18.99
CA LEU A 291 7.21 -7.55 19.67
C LEU A 291 6.76 -7.84 21.09
N GLU A 292 6.40 -9.11 21.35
CA GLU A 292 6.31 -9.79 22.64
C GLU A 292 4.95 -9.68 23.31
N ILE A 293 3.95 -9.16 22.60
CA ILE A 293 2.56 -9.23 23.06
C ILE A 293 1.58 -8.81 21.96
#